data_3TT2
#
_entry.id   3TT2
#
_cell.length_a   48.611
_cell.length_b   85.515
_cell.length_c   98.626
_cell.angle_alpha   90.00
_cell.angle_beta   90.00
_cell.angle_gamma   90.00
#
_symmetry.space_group_name_H-M   'P 21 21 21'
#
loop_
_entity.id
_entity.type
_entity.pdbx_description
1 polymer 'GCN5-related N-acetyltransferase'
2 non-polymer 'SULFATE ION'
3 non-polymer GLYCEROL
4 non-polymer '2-(N-MORPHOLINO)-ETHANESULFONIC ACID'
5 water water
#
_entity_poly.entity_id   1
_entity_poly.type   'polypeptide(L)'
_entity_poly.pdbx_seq_one_letter_code
;SNAVAARTLPDRFIARAPVPADAPAIARLIAACQEADGDEPDASAEEVLRDWEGLDLGQEAVLVVAPDGEAAAYADVLNR
RYVQLSVYGYVHPRFRG(MSE)GLGTWLVQWGEEWIQDR(MSE)HLAPAEAQVTVQHYIRASSTSALRL(MSE)EQHGYR
PVRDIWV(MSE)AITLDQPPPAPEWPEGITARTFVPGLDERATYEAVEEAFGDIWGRPPSTFERWLS(MSE)TQSERKDP
ELWLLAVETDSGHIVGTCLGQETAGKGWIGSVGVRRPWRGRGIALALLQEVFGVYYRRGVREVELSVDAESRTGAPRLYR
RAG(MSE)HVKHRYVLHRKEIRPGIDLSTTAAHS
;
_entity_poly.pdbx_strand_id   A
#
loop_
_chem_comp.id
_chem_comp.type
_chem_comp.name
_chem_comp.formula
GOL non-polymer GLYCEROL 'C3 H8 O3'
MES non-polymer '2-(N-MORPHOLINO)-ETHANESULFONIC ACID' 'C6 H13 N O4 S'
SO4 non-polymer 'SULFATE ION' 'O4 S -2'
#
# COMPACT_ATOMS: atom_id res chain seq x y z
N THR A 8 5.24 -30.24 -3.12
CA THR A 8 4.07 -31.10 -2.91
C THR A 8 2.77 -30.32 -3.08
N LEU A 9 1.89 -30.85 -3.91
CA LEU A 9 0.57 -30.27 -4.13
C LEU A 9 -0.40 -31.43 -4.24
N PRO A 10 -1.63 -31.27 -3.70
CA PRO A 10 -2.63 -32.31 -3.95
C PRO A 10 -2.90 -32.59 -5.44
N ASP A 11 -3.04 -33.86 -5.78
CA ASP A 11 -3.14 -34.33 -7.17
C ASP A 11 -4.17 -33.56 -7.99
N ARG A 12 -5.35 -33.40 -7.43
CA ARG A 12 -6.48 -32.86 -8.16
C ARG A 12 -6.33 -31.37 -8.43
N PHE A 13 -5.29 -30.77 -7.88
CA PHE A 13 -5.09 -29.33 -7.98
C PHE A 13 -4.05 -28.88 -9.02
N ILE A 14 -4.48 -27.95 -9.88
CA ILE A 14 -3.66 -27.45 -10.97
C ILE A 14 -3.27 -26.00 -10.70
N ALA A 15 -1.98 -25.72 -10.75
CA ALA A 15 -1.49 -24.37 -10.60
C ALA A 15 -1.17 -23.84 -11.99
N ARG A 16 -1.59 -22.61 -12.27
CA ARG A 16 -1.44 -22.07 -13.61
C ARG A 16 -1.44 -20.54 -13.55
N ALA A 17 -0.91 -19.89 -14.59
CA ALA A 17 -0.93 -18.43 -14.63
C ALA A 17 -2.35 -17.92 -14.80
N PRO A 18 -2.71 -16.86 -14.06
CA PRO A 18 -4.04 -16.27 -14.25
C PRO A 18 -4.24 -15.54 -15.59
N VAL A 19 -5.45 -15.63 -16.11
CA VAL A 19 -5.90 -15.00 -17.34
C VAL A 19 -6.98 -14.01 -16.92
N PRO A 20 -7.11 -12.86 -17.62
CA PRO A 20 -8.08 -11.83 -17.21
C PRO A 20 -9.52 -12.35 -16.99
N ALA A 21 -9.89 -13.43 -17.65
CA ALA A 21 -11.20 -14.05 -17.44
C ALA A 21 -11.35 -14.69 -16.06
N ASP A 22 -10.25 -14.80 -15.33
CA ASP A 22 -10.26 -15.32 -13.97
C ASP A 22 -10.56 -14.21 -12.97
N ALA A 23 -10.55 -12.97 -13.42
CA ALA A 23 -10.88 -11.84 -12.55
C ALA A 23 -12.14 -12.05 -11.69
N PRO A 24 -13.28 -12.50 -12.32
CA PRO A 24 -14.47 -12.71 -11.51
C PRO A 24 -14.33 -13.84 -10.50
N ALA A 25 -13.75 -14.96 -10.92
CA ALA A 25 -13.58 -16.11 -10.03
C ALA A 25 -12.71 -15.74 -8.85
N ILE A 26 -11.60 -15.06 -9.14
CA ILE A 26 -10.59 -14.65 -8.15
C ILE A 26 -11.10 -13.60 -7.17
N ALA A 27 -11.86 -12.64 -7.67
CA ALA A 27 -12.51 -11.65 -6.83
C ALA A 27 -13.22 -12.37 -5.69
N ARG A 28 -13.99 -13.39 -6.05
CA ARG A 28 -14.76 -14.15 -5.07
C ARG A 28 -13.88 -14.89 -4.08
N LEU A 29 -12.72 -15.33 -4.54
CA LEU A 29 -11.78 -15.99 -3.65
C LEU A 29 -11.30 -15.01 -2.58
N ILE A 30 -10.97 -13.79 -3.00
CA ILE A 30 -10.54 -12.75 -2.08
C ILE A 30 -11.69 -12.40 -1.14
N ALA A 31 -12.89 -12.37 -1.70
CA ALA A 31 -14.07 -12.03 -0.92
C ALA A 31 -14.29 -13.05 0.18
N ALA A 32 -14.17 -14.33 -0.17
CA ALA A 32 -14.32 -15.41 0.79
C ALA A 32 -13.26 -15.30 1.88
N CYS A 33 -12.05 -14.91 1.48
CA CYS A 33 -10.94 -14.70 2.41
C CYS A 33 -11.11 -13.48 3.30
N GLN A 34 -11.49 -12.35 2.72
CA GLN A 34 -11.65 -11.12 3.49
C GLN A 34 -12.87 -11.22 4.39
N GLU A 35 -13.77 -12.15 4.07
CA GLU A 35 -14.90 -12.40 4.92
C GLU A 35 -14.49 -13.10 6.21
N ALA A 36 -13.62 -14.09 6.11
CA ALA A 36 -13.18 -14.83 7.29
C ALA A 36 -12.43 -13.94 8.30
N ASP A 37 -11.68 -12.97 7.79
CA ASP A 37 -10.94 -12.06 8.64
C ASP A 37 -11.89 -11.11 9.37
N GLY A 38 -13.16 -11.11 8.99
CA GLY A 38 -14.14 -10.25 9.62
C GLY A 38 -14.45 -9.01 8.79
N ASP A 39 -13.76 -8.87 7.67
CA ASP A 39 -14.04 -7.75 6.79
C ASP A 39 -15.26 -8.01 5.93
N GLU A 40 -15.89 -6.93 5.48
CA GLU A 40 -16.97 -7.05 4.52
C GLU A 40 -16.39 -7.49 3.19
N PRO A 41 -17.16 -8.26 2.42
CA PRO A 41 -16.77 -8.61 1.06
C PRO A 41 -16.86 -7.42 0.10
N ASP A 42 -15.86 -6.54 0.17
CA ASP A 42 -15.76 -5.42 -0.74
C ASP A 42 -15.39 -5.91 -2.14
N ALA A 43 -14.56 -6.95 -2.21
CA ALA A 43 -13.86 -7.34 -3.43
C ALA A 43 -14.73 -7.50 -4.68
N SER A 44 -14.25 -6.96 -5.79
CA SER A 44 -14.93 -7.08 -7.07
C SER A 44 -13.91 -7.43 -8.16
N ALA A 45 -14.39 -8.07 -9.23
CA ALA A 45 -13.52 -8.40 -10.36
C ALA A 45 -12.96 -7.12 -10.96
N GLU A 46 -13.74 -6.05 -10.86
CA GLU A 46 -13.32 -4.74 -11.32
C GLU A 46 -12.01 -4.29 -10.67
N GLU A 47 -11.90 -4.49 -9.36
CA GLU A 47 -10.67 -4.14 -8.65
C GLU A 47 -9.50 -5.01 -9.09
N VAL A 48 -9.75 -6.32 -9.20
CA VAL A 48 -8.75 -7.27 -9.66
C VAL A 48 -8.15 -6.84 -10.98
N LEU A 49 -9.01 -6.57 -11.95
CA LEU A 49 -8.61 -6.10 -13.27
C LEU A 49 -7.77 -4.84 -13.23
N ARG A 50 -8.06 -3.99 -12.24
CA ARG A 50 -7.32 -2.74 -12.05
C ARG A 50 -5.96 -2.99 -11.41
N ASP A 51 -5.90 -3.86 -10.40
CA ASP A 51 -4.65 -4.18 -9.76
C ASP A 51 -3.78 -5.08 -10.66
N TRP A 52 -4.35 -5.50 -11.79
CA TRP A 52 -3.60 -6.28 -12.76
C TRP A 52 -3.02 -5.39 -13.84
N GLU A 53 -3.27 -4.09 -13.73
CA GLU A 53 -2.82 -3.14 -14.74
C GLU A 53 -1.31 -3.14 -14.80
N GLY A 54 -0.67 -3.09 -13.64
CA GLY A 54 0.79 -3.13 -13.61
C GLY A 54 1.43 -4.43 -14.04
N LEU A 55 1.04 -5.52 -13.38
CA LEU A 55 1.82 -6.76 -13.43
C LEU A 55 1.76 -7.61 -14.71
N ASP A 56 2.76 -8.49 -14.85
CA ASP A 56 2.80 -9.47 -15.92
C ASP A 56 2.05 -10.69 -15.39
N LEU A 57 0.91 -10.99 -15.99
CA LEU A 57 0.06 -12.05 -15.48
C LEU A 57 0.76 -13.40 -15.58
N GLY A 58 1.47 -13.59 -16.68
CA GLY A 58 2.11 -14.87 -16.94
C GLY A 58 3.14 -15.19 -15.89
N GLN A 59 4.09 -14.26 -15.71
CA GLN A 59 5.18 -14.40 -14.76
C GLN A 59 4.96 -14.01 -13.28
N GLU A 60 4.16 -12.97 -13.04
CA GLU A 60 3.99 -12.41 -11.69
C GLU A 60 2.79 -12.84 -10.80
N ALA A 61 1.98 -13.80 -11.27
CA ALA A 61 0.86 -14.27 -10.46
C ALA A 61 0.64 -15.76 -10.63
N VAL A 62 0.02 -16.39 -9.65
CA VAL A 62 -0.31 -17.81 -9.75
C VAL A 62 -1.75 -18.07 -9.30
N LEU A 63 -2.39 -19.04 -9.94
CA LEU A 63 -3.75 -19.45 -9.57
C LEU A 63 -3.83 -20.96 -9.33
N VAL A 64 -4.22 -21.37 -8.14
CA VAL A 64 -4.42 -22.79 -7.88
C VAL A 64 -5.88 -23.12 -8.18
N VAL A 65 -6.11 -23.94 -9.20
CA VAL A 65 -7.47 -24.26 -9.57
C VAL A 65 -7.88 -25.54 -8.88
N ALA A 66 -9.05 -25.49 -8.25
CA ALA A 66 -9.58 -26.66 -7.57
C ALA A 66 -10.22 -27.61 -8.58
N PRO A 67 -10.35 -28.89 -8.21
CA PRO A 67 -11.00 -29.94 -9.01
C PRO A 67 -12.38 -29.54 -9.56
N ASP A 68 -13.11 -28.69 -8.83
CA ASP A 68 -14.43 -28.25 -9.27
C ASP A 68 -14.36 -27.06 -10.23
N GLY A 69 -13.13 -26.64 -10.54
CA GLY A 69 -12.92 -25.58 -11.52
C GLY A 69 -12.96 -24.18 -10.94
N GLU A 70 -12.86 -24.11 -9.62
CA GLU A 70 -13.02 -22.86 -8.90
C GLU A 70 -11.67 -22.53 -8.32
N ALA A 71 -11.42 -21.25 -8.06
CA ALA A 71 -10.10 -20.84 -7.63
C ALA A 71 -9.89 -21.17 -6.16
N ALA A 72 -8.94 -22.06 -5.91
CA ALA A 72 -8.64 -22.53 -4.56
C ALA A 72 -7.75 -21.54 -3.84
N ALA A 73 -6.77 -21.02 -4.56
CA ALA A 73 -5.83 -20.05 -4.00
C ALA A 73 -5.22 -19.19 -5.09
N TYR A 74 -4.75 -18.01 -4.70
CA TYR A 74 -4.12 -17.10 -5.63
C TYR A 74 -3.11 -16.20 -4.96
N ALA A 75 -2.02 -15.91 -5.66
CA ALA A 75 -1.05 -14.91 -5.21
C ALA A 75 -0.45 -14.09 -6.35
N ASP A 76 -0.11 -12.84 -6.05
CA ASP A 76 0.65 -12.00 -6.98
C ASP A 76 1.83 -11.33 -6.25
N VAL A 77 2.84 -10.85 -6.98
CA VAL A 77 4.04 -10.31 -6.33
C VAL A 77 4.33 -8.88 -6.76
N LEU A 78 4.78 -8.08 -5.80
CA LEU A 78 5.44 -6.82 -6.12
C LEU A 78 6.95 -6.96 -5.96
N ASN A 79 7.72 -6.47 -6.93
CA ASN A 79 9.16 -6.65 -6.95
C ASN A 79 9.90 -5.33 -6.92
N ARG A 80 10.73 -5.13 -5.89
CA ARG A 80 11.58 -3.93 -5.84
C ARG A 80 13.04 -4.27 -6.06
N ARG A 81 13.57 -3.95 -7.24
CA ARG A 81 15.00 -4.04 -7.59
C ARG A 81 15.55 -5.46 -7.37
N TYR A 82 14.66 -6.43 -7.31
CA TYR A 82 14.97 -7.82 -6.98
C TYR A 82 15.67 -7.98 -5.63
N VAL A 83 15.62 -6.98 -4.75
CA VAL A 83 16.07 -7.20 -3.38
C VAL A 83 15.00 -7.39 -2.32
N GLN A 84 13.77 -7.02 -2.66
CA GLN A 84 12.66 -7.17 -1.76
C GLN A 84 11.42 -7.56 -2.50
N LEU A 85 10.90 -8.74 -2.17
CA LEU A 85 9.72 -9.21 -2.87
C LEU A 85 8.55 -9.17 -1.92
N SER A 86 7.51 -8.46 -2.31
CA SER A 86 6.26 -8.47 -1.57
C SER A 86 5.33 -9.49 -2.23
N VAL A 87 4.63 -10.26 -1.40
CA VAL A 87 3.80 -11.35 -1.89
C VAL A 87 2.39 -11.19 -1.34
N TYR A 88 1.38 -11.21 -2.20
CA TYR A 88 0.00 -11.15 -1.70
C TYR A 88 -0.74 -12.43 -1.99
N GLY A 89 -0.94 -13.25 -0.96
CA GLY A 89 -1.60 -14.54 -1.16
C GLY A 89 -3.00 -14.58 -0.61
N TYR A 90 -3.77 -15.59 -1.02
CA TYR A 90 -5.10 -15.88 -0.46
C TYR A 90 -5.36 -17.36 -0.62
N VAL A 91 -5.96 -17.97 0.38
CA VAL A 91 -6.41 -19.35 0.24
C VAL A 91 -7.84 -19.45 0.73
N HIS A 92 -8.70 -19.99 -0.13
CA HIS A 92 -10.11 -20.07 0.18
C HIS A 92 -10.32 -20.79 1.51
N PRO A 93 -11.20 -20.22 2.37
CA PRO A 93 -11.40 -20.66 3.77
C PRO A 93 -11.80 -22.14 3.92
N ARG A 94 -12.27 -22.76 2.85
CA ARG A 94 -12.55 -24.18 2.85
C ARG A 94 -11.30 -25.06 2.68
N PHE A 95 -10.29 -24.48 2.04
CA PHE A 95 -9.10 -25.23 1.67
C PHE A 95 -7.92 -25.09 2.65
N ARG A 96 -8.14 -24.37 3.75
CA ARG A 96 -7.08 -24.18 4.74
C ARG A 96 -6.64 -25.51 5.39
N GLY A 97 -5.34 -25.65 5.67
CA GLY A 97 -4.82 -26.84 6.31
C GLY A 97 -4.61 -27.97 5.32
N MSE A 98 -4.60 -27.64 4.03
CA MSE A 98 -4.26 -28.62 3.01
C MSE A 98 -2.83 -28.57 2.47
O MSE A 98 -2.46 -29.34 1.58
CB MSE A 98 -5.26 -28.54 1.85
CG MSE A 98 -6.69 -28.76 2.29
SE MSE A 98 -7.86 -29.00 0.76
CE MSE A 98 -7.14 -30.69 0.10
N GLY A 99 -2.04 -27.64 2.99
CA GLY A 99 -0.69 -27.43 2.49
C GLY A 99 -0.66 -26.38 1.39
N LEU A 100 -1.82 -25.81 1.09
CA LEU A 100 -1.97 -24.85 0.00
C LEU A 100 -1.37 -23.48 0.33
N GLY A 101 -1.61 -22.98 1.53
CA GLY A 101 -1.01 -21.73 1.97
C GLY A 101 0.51 -21.83 2.02
N THR A 102 1.01 -23.01 2.39
CA THR A 102 2.45 -23.29 2.39
C THR A 102 2.99 -23.26 0.96
N TRP A 103 2.21 -23.81 0.04
CA TRP A 103 2.62 -23.87 -1.35
C TRP A 103 2.83 -22.46 -1.92
N LEU A 104 1.84 -21.58 -1.76
CA LEU A 104 1.96 -20.19 -2.21
C LEU A 104 3.20 -19.51 -1.65
N VAL A 105 3.46 -19.78 -0.38
CA VAL A 105 4.59 -19.15 0.29
C VAL A 105 5.88 -19.50 -0.44
N GLN A 106 6.12 -20.79 -0.65
CA GLN A 106 7.34 -21.22 -1.32
C GLN A 106 7.37 -20.76 -2.78
N TRP A 107 6.22 -20.72 -3.44
CA TRP A 107 6.12 -20.18 -4.79
C TRP A 107 6.74 -18.78 -4.89
N GLY A 108 6.42 -17.94 -3.93
CA GLY A 108 6.93 -16.59 -3.89
C GLY A 108 8.41 -16.58 -3.56
N GLU A 109 8.82 -17.46 -2.66
CA GLU A 109 10.23 -17.62 -2.32
C GLU A 109 11.02 -18.08 -3.53
N GLU A 110 10.49 -19.07 -4.23
CA GLU A 110 11.16 -19.57 -5.41
C GLU A 110 11.12 -18.50 -6.50
N TRP A 111 10.15 -17.60 -6.43
CA TRP A 111 10.05 -16.56 -7.45
C TRP A 111 11.30 -15.70 -7.44
N ILE A 112 11.63 -15.13 -6.28
CA ILE A 112 12.81 -14.29 -6.15
C ILE A 112 14.12 -15.06 -6.30
N GLN A 113 14.17 -16.28 -5.80
CA GLN A 113 15.37 -17.10 -5.92
C GLN A 113 15.78 -17.36 -7.37
N ASP A 114 14.80 -17.54 -8.23
CA ASP A 114 15.03 -17.82 -9.64
C ASP A 114 15.50 -16.59 -10.39
N ARG A 115 15.12 -15.42 -9.88
CA ARG A 115 15.51 -14.13 -10.44
C ARG A 115 16.67 -13.39 -9.73
N MSE A 116 17.21 -14.04 -8.71
CA MSE A 116 18.03 -13.40 -7.68
C MSE A 116 19.34 -12.84 -8.21
O MSE A 116 19.92 -11.95 -7.60
CB MSE A 116 18.31 -14.44 -6.60
CG MSE A 116 18.72 -13.88 -5.28
SE MSE A 116 18.76 -15.26 -3.90
CE MSE A 116 19.81 -16.66 -4.76
N HIS A 117 19.81 -13.35 -9.34
CA HIS A 117 21.09 -12.96 -9.92
C HIS A 117 21.07 -11.53 -10.48
N LEU A 118 19.87 -10.97 -10.62
CA LEU A 118 19.69 -9.62 -11.15
C LEU A 118 19.79 -8.56 -10.07
N ALA A 119 19.94 -9.01 -8.83
CA ALA A 119 20.25 -8.13 -7.71
C ALA A 119 21.76 -8.03 -7.57
N PRO A 120 22.26 -6.88 -7.06
CA PRO A 120 23.70 -6.75 -6.81
C PRO A 120 24.08 -7.92 -5.94
N ALA A 121 25.28 -8.46 -6.12
CA ALA A 121 25.58 -9.73 -5.46
C ALA A 121 25.74 -9.57 -3.95
N GLU A 122 26.13 -8.38 -3.50
CA GLU A 122 26.32 -8.13 -2.07
C GLU A 122 25.01 -7.84 -1.34
N ALA A 123 23.98 -7.43 -2.10
CA ALA A 123 22.66 -7.10 -1.57
C ALA A 123 21.96 -8.25 -0.88
N GLN A 124 21.43 -8.00 0.32
CA GLN A 124 20.57 -8.96 0.99
C GLN A 124 19.24 -9.01 0.26
N VAL A 125 18.61 -10.18 0.27
CA VAL A 125 17.39 -10.39 -0.48
C VAL A 125 16.30 -10.83 0.48
N THR A 126 15.19 -10.09 0.51
CA THR A 126 14.08 -10.44 1.41
C THR A 126 12.78 -10.70 0.66
N VAL A 127 11.93 -11.52 1.26
CA VAL A 127 10.53 -11.69 0.84
C VAL A 127 9.65 -11.27 2.01
N GLN A 128 8.53 -10.61 1.70
CA GLN A 128 7.66 -10.13 2.75
C GLN A 128 6.18 -10.24 2.42
N HIS A 129 5.40 -10.45 3.48
CA HIS A 129 3.96 -10.61 3.41
C HIS A 129 3.29 -9.60 4.32
N TYR A 130 2.15 -9.08 3.90
CA TYR A 130 1.37 -8.24 4.81
C TYR A 130 0.18 -9.04 5.30
N ILE A 131 0.19 -9.36 6.58
CA ILE A 131 -0.83 -10.21 7.16
C ILE A 131 -1.84 -9.39 7.95
N ARG A 132 -3.13 -9.64 7.75
CA ARG A 132 -4.14 -9.10 8.63
C ARG A 132 -3.84 -9.50 10.06
N ALA A 133 -3.83 -8.52 10.97
CA ALA A 133 -3.54 -8.79 12.38
C ALA A 133 -4.51 -9.81 12.95
N SER A 134 -5.71 -9.83 12.40
CA SER A 134 -6.80 -10.66 12.92
C SER A 134 -6.67 -12.16 12.66
N SER A 135 -6.06 -12.57 11.54
CA SER A 135 -6.10 -14.00 11.21
C SER A 135 -4.90 -14.78 11.73
N THR A 136 -5.19 -15.59 12.74
CA THR A 136 -4.18 -16.29 13.48
C THR A 136 -3.62 -17.41 12.64
N SER A 137 -4.41 -17.83 11.67
CA SER A 137 -4.02 -18.93 10.80
C SER A 137 -2.78 -18.57 10.01
N ALA A 138 -2.78 -17.39 9.41
CA ALA A 138 -1.68 -16.96 8.58
C ALA A 138 -0.53 -16.47 9.45
N LEU A 139 -0.86 -15.93 10.61
CA LEU A 139 0.15 -15.53 11.58
C LEU A 139 1.07 -16.69 11.98
N ARG A 140 0.50 -17.88 12.08
CA ARG A 140 1.27 -19.06 12.44
C ARG A 140 2.04 -19.59 11.24
N LEU A 141 1.45 -19.48 10.05
CA LEU A 141 2.09 -19.96 8.84
C LEU A 141 3.37 -19.19 8.57
N MSE A 142 3.35 -17.89 8.83
CA MSE A 142 4.54 -17.04 8.75
C MSE A 142 5.64 -17.53 9.67
O MSE A 142 6.78 -17.68 9.24
CB MSE A 142 4.21 -15.59 9.11
CG MSE A 142 3.35 -14.86 8.08
SE MSE A 142 4.10 -14.94 6.27
CE MSE A 142 3.16 -16.53 5.62
N GLU A 143 5.30 -17.73 10.93
CA GLU A 143 6.28 -18.13 11.94
C GLU A 143 6.82 -19.53 11.65
N GLN A 144 5.93 -20.39 11.19
CA GLN A 144 6.31 -21.72 10.75
C GLN A 144 7.33 -21.63 9.61
N HIS A 145 7.16 -20.63 8.75
CA HIS A 145 8.03 -20.49 7.58
C HIS A 145 9.20 -19.56 7.74
N GLY A 146 9.37 -19.04 8.94
CA GLY A 146 10.55 -18.26 9.26
C GLY A 146 10.37 -16.78 9.02
N TYR A 147 9.15 -16.38 8.69
CA TYR A 147 8.84 -14.97 8.48
C TYR A 147 8.55 -14.32 9.82
N ARG A 148 9.16 -13.17 10.08
CA ARG A 148 9.08 -12.58 11.38
C ARG A 148 8.52 -11.16 11.32
N PRO A 149 7.74 -10.78 12.36
CA PRO A 149 7.08 -9.47 12.45
C PRO A 149 8.06 -8.33 12.51
N VAL A 150 7.84 -7.35 11.66
CA VAL A 150 8.74 -6.22 11.42
C VAL A 150 8.08 -4.94 11.90
N ARG A 151 6.94 -4.63 11.30
N ARG A 151 6.95 -4.61 11.30
CA ARG A 151 6.25 -3.38 11.56
CA ARG A 151 6.23 -3.41 11.71
C ARG A 151 4.72 -3.55 11.46
C ARG A 151 4.72 -3.55 11.49
N ASP A 152 3.98 -2.63 12.10
CA ASP A 152 2.54 -2.56 11.93
C ASP A 152 2.22 -1.59 10.80
N ILE A 153 1.24 -1.95 9.97
CA ILE A 153 0.74 -1.02 8.97
C ILE A 153 -0.73 -0.77 9.25
N TRP A 154 -1.09 0.49 9.42
CA TRP A 154 -2.46 0.82 9.71
C TRP A 154 -3.13 1.46 8.50
N VAL A 155 -4.28 0.92 8.14
CA VAL A 155 -5.13 1.56 7.12
C VAL A 155 -6.19 2.43 7.79
N MSE A 156 -6.07 3.74 7.61
CA MSE A 156 -7.01 4.70 8.20
C MSE A 156 -8.08 4.98 7.17
O MSE A 156 -7.83 4.94 5.97
CB MSE A 156 -6.30 5.99 8.61
CG MSE A 156 -5.11 5.76 9.51
SE MSE A 156 -5.45 4.80 11.21
CE MSE A 156 -6.55 6.11 12.17
N ALA A 157 -9.30 5.22 7.63
CA ALA A 157 -10.38 5.52 6.70
C ALA A 157 -11.20 6.67 7.24
N ILE A 158 -11.86 7.39 6.35
CA ILE A 158 -12.82 8.41 6.77
C ILE A 158 -13.97 8.57 5.78
N THR A 159 -15.19 8.72 6.31
CA THR A 159 -16.39 8.79 5.50
C THR A 159 -16.89 10.20 5.59
N LEU A 160 -16.98 10.93 4.47
CA LEU A 160 -17.35 12.31 4.67
C LEU A 160 -18.77 12.51 4.25
N ASP A 161 -19.70 12.44 5.22
CA ASP A 161 -21.11 12.68 4.93
C ASP A 161 -21.45 14.07 5.39
N GLN A 162 -20.51 14.71 6.07
CA GLN A 162 -20.73 15.97 6.73
C GLN A 162 -19.46 16.76 6.56
N PRO A 163 -19.59 18.08 6.38
CA PRO A 163 -18.40 18.94 6.14
C PRO A 163 -17.39 18.82 7.25
N PRO A 164 -16.13 18.57 6.90
CA PRO A 164 -15.00 18.50 7.82
C PRO A 164 -14.79 19.83 8.53
N PRO A 165 -14.04 19.80 9.64
CA PRO A 165 -13.64 21.05 10.27
C PRO A 165 -12.75 21.86 9.34
N ALA A 166 -12.86 23.18 9.40
CA ALA A 166 -11.94 24.09 8.72
C ALA A 166 -10.55 23.99 9.32
N PRO A 167 -9.55 23.83 8.44
CA PRO A 167 -8.16 23.67 8.86
C PRO A 167 -7.76 24.85 9.71
N GLU A 168 -7.05 24.63 10.80
CA GLU A 168 -6.47 25.76 11.52
C GLU A 168 -5.00 25.79 11.14
N TRP A 169 -4.63 26.75 10.31
CA TRP A 169 -3.26 26.84 9.85
C TRP A 169 -2.38 27.64 10.81
N PRO A 170 -1.22 27.09 11.12
CA PRO A 170 -0.21 27.67 12.00
C PRO A 170 0.18 29.04 11.48
N GLU A 171 0.57 29.99 12.34
CA GLU A 171 0.92 31.34 11.84
C GLU A 171 2.02 31.29 10.78
N GLY A 172 1.75 31.85 9.61
CA GLY A 172 2.78 32.00 8.58
C GLY A 172 2.84 30.88 7.55
N ILE A 173 1.90 29.94 7.63
CA ILE A 173 1.83 28.84 6.71
C ILE A 173 0.41 28.82 6.20
N THR A 174 0.25 28.53 4.92
CA THR A 174 -1.08 28.44 4.30
C THR A 174 -1.06 27.35 3.23
N ALA A 175 -2.24 26.96 2.79
CA ALA A 175 -2.39 25.96 1.75
C ALA A 175 -2.10 26.51 0.37
N ARG A 176 -1.43 25.71 -0.45
CA ARG A 176 -1.24 26.03 -1.85
C ARG A 176 -1.54 24.81 -2.65
N THR A 177 -2.48 24.94 -3.57
CA THR A 177 -2.81 23.87 -4.47
C THR A 177 -1.66 23.74 -5.45
N PHE A 178 -1.24 22.50 -5.70
CA PHE A 178 -0.17 22.23 -6.65
C PHE A 178 -0.49 22.84 -8.01
N VAL A 179 0.46 23.60 -8.55
CA VAL A 179 0.27 24.21 -9.86
C VAL A 179 1.18 23.58 -10.92
N PRO A 180 0.61 22.76 -11.80
CA PRO A 180 1.42 22.08 -12.84
C PRO A 180 2.19 23.08 -13.67
N GLY A 181 3.40 22.71 -14.09
CA GLY A 181 4.22 23.57 -14.92
C GLY A 181 5.02 24.53 -14.09
N LEU A 182 4.78 24.50 -12.80
N LEU A 182 4.76 24.51 -12.80
CA LEU A 182 5.47 25.37 -11.85
CA LEU A 182 5.40 25.42 -11.85
C LEU A 182 6.04 24.54 -10.73
C LEU A 182 5.99 24.62 -10.70
N ASP A 183 5.12 23.92 -9.98
CA ASP A 183 5.47 23.33 -8.71
C ASP A 183 6.08 21.93 -8.75
N GLU A 184 6.27 21.37 -9.93
CA GLU A 184 6.80 20.01 -10.08
C GLU A 184 8.07 19.72 -9.28
N ARG A 185 9.18 20.39 -9.63
CA ARG A 185 10.46 20.06 -9.03
C ARG A 185 10.46 20.35 -7.54
N ALA A 186 9.87 21.47 -7.16
CA ALA A 186 9.87 21.93 -5.78
C ALA A 186 9.12 20.98 -4.87
N THR A 187 8.03 20.43 -5.38
CA THR A 187 7.17 19.50 -4.65
C THR A 187 7.90 18.19 -4.47
N TYR A 188 8.51 17.74 -5.54
CA TYR A 188 9.32 16.56 -5.51
C TYR A 188 10.44 16.62 -4.45
N GLU A 189 11.08 17.78 -4.31
CA GLU A 189 12.17 17.92 -3.34
C GLU A 189 11.67 17.83 -1.92
N ALA A 190 10.48 18.38 -1.71
CA ALA A 190 9.89 18.41 -0.39
C ALA A 190 9.44 17.01 0.01
N VAL A 191 8.97 16.24 -0.96
CA VAL A 191 8.52 14.87 -0.73
C VAL A 191 9.71 13.95 -0.45
N GLU A 192 10.82 14.16 -1.15
CA GLU A 192 11.96 13.28 -1.01
C GLU A 192 12.72 13.55 0.27
N GLU A 193 12.44 14.71 0.84
CA GLU A 193 13.07 15.15 2.07
C GLU A 193 12.19 14.74 3.24
N ALA A 194 10.96 15.27 3.24
CA ALA A 194 9.97 15.00 4.29
C ALA A 194 9.84 13.52 4.58
N PHE A 195 9.95 12.71 3.53
CA PHE A 195 9.80 11.30 3.71
C PHE A 195 11.14 10.58 3.68
N GLY A 196 11.83 10.64 2.55
CA GLY A 196 13.14 10.01 2.41
C GLY A 196 13.96 9.99 3.69
N ARG A 201 10.69 3.14 2.68
CA ARG A 201 10.34 3.38 1.27
C ARG A 201 11.58 3.82 0.50
N PRO A 202 11.65 3.49 -0.82
CA PRO A 202 12.80 3.82 -1.66
C PRO A 202 12.91 5.29 -2.08
N PRO A 203 14.12 5.86 -2.11
CA PRO A 203 14.29 7.15 -2.76
C PRO A 203 14.06 6.99 -4.27
N SER A 204 13.22 7.85 -4.85
CA SER A 204 12.99 7.85 -6.29
C SER A 204 13.70 9.05 -6.85
N THR A 205 14.27 8.92 -8.04
CA THR A 205 14.81 10.10 -8.69
C THR A 205 13.67 10.94 -9.19
N PHE A 206 13.99 12.09 -9.78
CA PHE A 206 12.96 13.03 -10.18
C PHE A 206 12.17 12.53 -11.39
N GLU A 207 12.86 11.95 -12.37
CA GLU A 207 12.17 11.45 -13.54
C GLU A 207 11.24 10.29 -13.18
N ARG A 208 11.70 9.42 -12.28
CA ARG A 208 10.88 8.32 -11.78
C ARG A 208 9.61 8.85 -11.14
N TRP A 209 9.78 9.85 -10.28
CA TRP A 209 8.65 10.45 -9.60
C TRP A 209 7.67 11.06 -10.59
N LEU A 210 8.20 11.74 -11.61
CA LEU A 210 7.37 12.31 -12.67
C LEU A 210 6.49 11.29 -13.37
N SER A 211 7.05 10.12 -13.66
CA SER A 211 6.30 9.12 -14.42
C SER A 211 5.29 8.41 -13.54
N MSE A 212 5.58 8.34 -12.25
CA MSE A 212 4.67 7.67 -11.33
C MSE A 212 3.47 8.54 -11.02
O MSE A 212 2.38 8.05 -10.75
CB MSE A 212 5.38 7.35 -10.01
CG MSE A 212 6.23 6.12 -10.05
SE MSE A 212 6.85 5.67 -8.26
CE MSE A 212 8.00 7.21 -7.92
N THR A 213 3.68 9.85 -11.04
CA THR A 213 2.62 10.76 -10.70
C THR A 213 1.88 11.36 -11.89
N GLN A 214 2.30 11.02 -13.11
CA GLN A 214 1.75 11.64 -14.32
C GLN A 214 0.23 11.65 -14.36
N SER A 215 -0.37 10.54 -13.95
CA SER A 215 -1.82 10.48 -13.86
C SER A 215 -2.33 11.48 -12.83
N GLU A 216 -1.83 11.40 -11.60
CA GLU A 216 -2.35 12.18 -10.48
C GLU A 216 -2.17 13.70 -10.58
N ARG A 217 -1.21 14.14 -11.39
CA ARG A 217 -0.94 15.56 -11.58
C ARG A 217 -1.87 16.22 -12.61
N LYS A 218 -2.69 15.41 -13.26
CA LYS A 218 -3.75 15.88 -14.14
C LYS A 218 -5.00 16.21 -13.28
N ASP A 219 -4.86 16.04 -11.96
CA ASP A 219 -5.91 16.32 -10.97
C ASP A 219 -5.28 17.01 -9.76
N PRO A 220 -4.73 18.21 -9.96
CA PRO A 220 -3.94 18.95 -8.97
C PRO A 220 -4.77 19.46 -7.79
N GLU A 221 -6.09 19.50 -7.95
CA GLU A 221 -7.00 19.95 -6.91
C GLU A 221 -6.70 19.23 -5.58
N LEU A 222 -6.29 17.97 -5.70
CA LEU A 222 -6.00 17.08 -4.56
C LEU A 222 -4.51 17.03 -4.13
N TRP A 223 -3.65 17.81 -4.78
CA TRP A 223 -2.28 17.92 -4.31
C TRP A 223 -2.09 19.24 -3.56
N LEU A 224 -1.96 19.13 -2.24
CA LEU A 224 -1.82 20.32 -1.42
C LEU A 224 -0.41 20.43 -0.86
N LEU A 225 0.05 21.67 -0.80
CA LEU A 225 1.36 21.99 -0.30
C LEU A 225 1.17 22.97 0.86
N ALA A 226 1.78 22.69 2.00
CA ALA A 226 1.89 23.71 3.02
C ALA A 226 3.07 24.60 2.64
N VAL A 227 2.81 25.90 2.55
CA VAL A 227 3.79 26.83 2.05
C VAL A 227 3.98 27.98 3.03
N GLU A 228 5.23 28.21 3.41
CA GLU A 228 5.59 29.30 4.30
C GLU A 228 5.55 30.60 3.52
N THR A 229 4.74 31.54 4.00
CA THR A 229 4.43 32.77 3.28
C THR A 229 5.65 33.65 3.00
N ASP A 230 6.52 33.82 3.99
CA ASP A 230 7.69 34.66 3.83
C ASP A 230 8.67 34.12 2.76
N SER A 231 8.99 32.85 2.87
CA SER A 231 9.93 32.21 1.94
C SER A 231 9.31 31.78 0.62
N GLY A 232 8.03 31.45 0.65
CA GLY A 232 7.40 30.85 -0.52
C GLY A 232 8.07 29.51 -0.73
N HIS A 233 8.07 28.71 0.31
CA HIS A 233 8.80 27.46 0.32
C HIS A 233 7.89 26.38 0.84
N ILE A 234 8.04 25.18 0.27
CA ILE A 234 7.12 24.12 0.58
C ILE A 234 7.64 23.46 1.84
N VAL A 235 6.86 23.57 2.92
CA VAL A 235 7.21 22.96 4.19
C VAL A 235 6.50 21.64 4.43
N GLY A 236 5.58 21.27 3.55
CA GLY A 236 4.76 20.10 3.78
C GLY A 236 3.95 19.75 2.56
N THR A 237 3.51 18.50 2.44
CA THR A 237 2.69 18.08 1.31
C THR A 237 1.65 17.07 1.74
N CYS A 238 0.50 17.12 1.09
CA CYS A 238 -0.43 16.04 1.15
C CYS A 238 -0.89 15.77 -0.27
N LEU A 239 -0.52 14.63 -0.83
CA LEU A 239 -0.85 14.39 -2.21
C LEU A 239 -1.90 13.30 -2.28
N GLY A 240 -3.12 13.73 -2.59
CA GLY A 240 -4.24 12.85 -2.70
C GLY A 240 -4.47 12.47 -4.14
N GLN A 241 -5.23 11.40 -4.32
CA GLN A 241 -5.67 11.01 -5.63
C GLN A 241 -7.08 10.46 -5.50
N GLU A 242 -7.77 10.34 -6.63
CA GLU A 242 -9.11 9.75 -6.64
C GLU A 242 -9.15 8.54 -7.57
N THR A 243 -9.49 7.38 -7.03
CA THR A 243 -9.63 6.21 -7.89
C THR A 243 -10.99 5.55 -7.68
N ALA A 244 -11.76 5.42 -8.75
CA ALA A 244 -13.04 4.74 -8.68
C ALA A 244 -13.94 5.36 -7.63
N GLY A 245 -13.97 6.68 -7.57
CA GLY A 245 -14.83 7.40 -6.64
C GLY A 245 -14.44 7.24 -5.17
N LYS A 246 -13.22 6.76 -4.91
CA LYS A 246 -12.68 6.70 -3.55
C LYS A 246 -11.41 7.49 -3.54
N GLY A 247 -11.14 8.16 -2.42
CA GLY A 247 -9.87 8.87 -2.30
C GLY A 247 -8.74 8.03 -1.73
N TRP A 248 -7.52 8.31 -2.17
CA TRP A 248 -6.37 7.69 -1.54
C TRP A 248 -5.33 8.75 -1.35
N ILE A 249 -4.80 8.84 -0.14
CA ILE A 249 -3.75 9.79 0.15
C ILE A 249 -2.45 9.03 0.31
N GLY A 250 -1.56 9.20 -0.66
CA GLY A 250 -0.29 8.52 -0.57
C GLY A 250 0.56 9.01 0.59
N SER A 251 0.86 10.31 0.59
CA SER A 251 1.78 10.81 1.62
C SER A 251 1.36 12.16 2.19
N VAL A 252 1.18 12.20 3.49
CA VAL A 252 1.13 13.49 4.15
C VAL A 252 2.43 13.63 4.96
N GLY A 253 3.07 14.78 4.91
CA GLY A 253 4.33 14.93 5.64
C GLY A 253 4.92 16.32 5.73
N VAL A 254 5.73 16.53 6.76
CA VAL A 254 6.29 17.85 7.00
C VAL A 254 7.80 17.73 7.02
N ARG A 255 8.49 18.68 6.38
CA ARG A 255 9.96 18.73 6.43
C ARG A 255 10.40 19.04 7.85
N ARG A 256 11.54 18.50 8.27
CA ARG A 256 11.93 18.51 9.69
C ARG A 256 11.87 19.86 10.42
N PRO A 257 12.37 20.94 9.80
CA PRO A 257 12.36 22.23 10.49
C PRO A 257 10.96 22.73 10.82
N TRP A 258 9.96 22.26 10.08
CA TRP A 258 8.59 22.71 10.35
C TRP A 258 7.68 21.82 11.20
N ARG A 259 8.22 20.75 11.74
CA ARG A 259 7.39 19.84 12.54
C ARG A 259 6.96 20.44 13.87
N GLY A 260 5.90 19.88 14.44
CA GLY A 260 5.39 20.32 15.73
C GLY A 260 4.58 21.61 15.69
N ARG A 261 4.21 22.04 14.49
CA ARG A 261 3.30 23.17 14.31
C ARG A 261 1.86 22.80 13.97
N GLY A 262 1.57 21.50 13.90
CA GLY A 262 0.23 21.05 13.55
C GLY A 262 -0.05 21.20 12.08
N ILE A 263 1.01 21.24 11.26
CA ILE A 263 0.87 21.35 9.82
C ILE A 263 0.24 20.13 9.11
N ALA A 264 0.56 18.93 9.58
CA ALA A 264 0.02 17.71 8.98
C ALA A 264 -1.49 17.66 9.18
N LEU A 265 -1.96 17.98 10.39
CA LEU A 265 -3.39 18.06 10.66
C LEU A 265 -4.12 19.09 9.78
N ALA A 266 -3.55 20.26 9.60
CA ALA A 266 -4.10 21.24 8.67
C ALA A 266 -4.12 20.69 7.26
N LEU A 267 -3.02 20.05 6.86
CA LEU A 267 -2.97 19.50 5.50
C LEU A 267 -4.09 18.48 5.28
N LEU A 268 -4.25 17.57 6.22
CA LEU A 268 -5.24 16.55 6.10
C LEU A 268 -6.65 17.15 6.07
N GLN A 269 -6.94 18.01 7.04
CA GLN A 269 -8.24 18.66 7.13
C GLN A 269 -8.60 19.41 5.83
N GLU A 270 -7.62 20.12 5.28
CA GLU A 270 -7.81 20.80 4.00
C GLU A 270 -8.09 19.84 2.82
N VAL A 271 -7.34 18.74 2.73
CA VAL A 271 -7.53 17.74 1.67
C VAL A 271 -8.93 17.12 1.78
N PHE A 272 -9.35 16.85 3.01
CA PHE A 272 -10.68 16.33 3.25
C PHE A 272 -11.76 17.30 2.79
N GLY A 273 -11.52 18.58 2.94
CA GLY A 273 -12.49 19.56 2.50
C GLY A 273 -12.64 19.50 1.00
N VAL A 274 -11.52 19.36 0.29
CA VAL A 274 -11.56 19.27 -1.17
C VAL A 274 -12.34 18.05 -1.65
N TYR A 275 -12.09 16.92 -0.99
CA TYR A 275 -12.80 15.68 -1.31
C TYR A 275 -14.27 15.84 -1.01
N TYR A 276 -14.55 16.45 0.13
CA TYR A 276 -15.93 16.56 0.56
C TYR A 276 -16.70 17.41 -0.42
N ARG A 277 -16.14 18.55 -0.80
CA ARG A 277 -16.95 19.43 -1.61
C ARG A 277 -16.89 19.04 -3.09
N ARG A 278 -16.08 18.03 -3.36
CA ARG A 278 -16.07 17.29 -4.63
C ARG A 278 -17.09 16.14 -4.69
N GLY A 279 -17.57 15.73 -3.52
CA GLY A 279 -18.53 14.64 -3.41
C GLY A 279 -17.94 13.25 -3.22
N VAL A 280 -16.65 13.16 -2.89
CA VAL A 280 -16.06 11.84 -2.62
C VAL A 280 -16.39 11.40 -1.21
N ARG A 281 -17.03 10.24 -1.08
CA ARG A 281 -17.53 9.84 0.22
C ARG A 281 -16.44 9.27 1.11
N GLU A 282 -15.57 8.44 0.54
CA GLU A 282 -14.60 7.74 1.35
C GLU A 282 -13.18 8.04 0.92
N VAL A 283 -12.37 8.38 1.93
CA VAL A 283 -10.93 8.54 1.80
C VAL A 283 -10.18 7.58 2.74
N GLU A 284 -9.09 7.03 2.24
CA GLU A 284 -8.29 6.12 3.00
C GLU A 284 -6.85 6.51 2.82
N LEU A 285 -6.03 6.08 3.77
CA LEU A 285 -4.59 6.13 3.62
C LEU A 285 -3.97 5.07 4.51
N SER A 286 -2.65 5.02 4.48
CA SER A 286 -1.95 3.94 5.10
C SER A 286 -0.76 4.50 5.91
N VAL A 287 -0.57 4.01 7.13
CA VAL A 287 0.57 4.48 7.91
C VAL A 287 1.34 3.37 8.63
N ASP A 288 2.67 3.40 8.48
CA ASP A 288 3.61 2.53 9.21
C ASP A 288 3.79 2.97 10.65
N ALA A 289 3.85 2.00 11.54
CA ALA A 289 4.06 2.26 12.94
C ALA A 289 4.83 1.09 13.53
N GLU A 290 5.75 1.36 14.46
CA GLU A 290 6.50 0.29 15.13
C GLU A 290 5.52 -0.67 15.82
N SER A 291 5.84 -1.96 15.87
CA SER A 291 4.91 -2.96 16.41
C SER A 291 4.45 -2.56 17.82
N ARG A 292 3.15 -2.58 18.06
CA ARG A 292 2.52 -2.19 19.34
C ARG A 292 2.33 -0.68 19.67
N THR A 293 2.88 0.26 18.88
CA THR A 293 2.70 1.71 19.20
C THR A 293 1.34 2.32 18.86
N GLY A 294 0.75 1.84 17.78
CA GLY A 294 -0.49 2.41 17.29
C GLY A 294 -0.21 3.55 16.34
N ALA A 295 -1.21 3.98 15.61
CA ALA A 295 -1.04 5.09 14.67
C ALA A 295 -0.88 6.41 15.44
N PRO A 296 -0.14 7.35 14.84
CA PRO A 296 0.05 8.69 15.40
C PRO A 296 -1.27 9.34 15.70
N ARG A 297 -1.34 10.07 16.82
CA ARG A 297 -2.56 10.76 17.20
C ARG A 297 -3.06 11.67 16.07
N LEU A 298 -2.17 12.00 15.14
CA LEU A 298 -2.49 12.83 13.98
C LEU A 298 -3.76 12.41 13.26
N TYR A 299 -3.90 11.10 13.03
CA TYR A 299 -4.93 10.59 12.11
C TYR A 299 -6.31 10.57 12.73
N ARG A 300 -6.39 10.14 13.97
CA ARG A 300 -7.65 10.17 14.69
C ARG A 300 -8.09 11.64 14.89
N ARG A 301 -7.13 12.51 15.17
CA ARG A 301 -7.40 13.95 15.29
C ARG A 301 -7.90 14.56 13.98
N ALA A 302 -7.56 13.95 12.84
CA ALA A 302 -8.03 14.47 11.57
C ALA A 302 -9.42 13.91 11.21
N GLY A 303 -9.94 13.09 12.11
CA GLY A 303 -11.28 12.58 11.96
C GLY A 303 -11.29 11.18 11.40
N MSE A 304 -10.10 10.60 11.28
CA MSE A 304 -10.03 9.30 10.70
C MSE A 304 -10.20 8.26 11.78
O MSE A 304 -10.27 8.61 12.96
CB MSE A 304 -8.70 9.15 10.00
CG MSE A 304 -8.76 9.53 8.56
SE MSE A 304 -6.99 9.65 7.79
CE MSE A 304 -6.38 11.07 8.94
N HIS A 305 -10.25 7.01 11.37
CA HIS A 305 -10.47 5.88 12.26
C HIS A 305 -9.82 4.65 11.65
N VAL A 306 -9.66 3.59 12.44
CA VAL A 306 -8.93 2.43 11.97
C VAL A 306 -9.83 1.50 11.13
N LYS A 307 -9.45 1.29 9.87
CA LYS A 307 -10.13 0.32 9.03
C LYS A 307 -9.59 -1.06 9.38
N HIS A 308 -8.35 -1.34 9.00
CA HIS A 308 -7.70 -2.58 9.43
CA HIS A 308 -7.70 -2.57 9.40
C HIS A 308 -6.20 -2.38 9.69
N ARG A 309 -5.62 -3.36 10.36
CA ARG A 309 -4.23 -3.33 10.78
C ARG A 309 -3.52 -4.53 10.18
N TYR A 310 -2.39 -4.29 9.52
CA TYR A 310 -1.62 -5.40 9.01
C TYR A 310 -0.30 -5.47 9.77
N VAL A 311 0.22 -6.68 9.92
CA VAL A 311 1.56 -6.86 10.45
C VAL A 311 2.44 -7.32 9.30
N LEU A 312 3.49 -6.56 9.05
CA LEU A 312 4.39 -6.91 7.98
C LEU A 312 5.35 -8.02 8.43
N HIS A 313 5.29 -9.14 7.72
CA HIS A 313 6.18 -10.26 7.98
C HIS A 313 7.27 -10.38 6.93
N ARG A 314 8.52 -10.49 7.39
CA ARG A 314 9.67 -10.52 6.49
C ARG A 314 10.62 -11.67 6.78
N LYS A 315 11.16 -12.27 5.71
CA LYS A 315 12.16 -13.32 5.85
C LYS A 315 13.35 -13.02 4.96
N GLU A 316 14.56 -13.33 5.42
CA GLU A 316 15.74 -13.05 4.60
C GLU A 316 16.13 -14.26 3.75
N ILE A 317 15.98 -14.10 2.44
CA ILE A 317 16.30 -15.16 1.48
C ILE A 317 17.82 -15.28 1.23
N ARG A 318 18.50 -14.15 1.12
CA ARG A 318 19.96 -14.18 1.05
C ARG A 318 20.54 -13.08 1.91
N PRO A 319 21.65 -13.37 2.61
CA PRO A 319 22.29 -12.36 3.45
C PRO A 319 23.06 -11.31 2.65
N GLY A 320 23.25 -10.14 3.26
CA GLY A 320 23.96 -9.06 2.60
C GLY A 320 23.54 -7.72 3.12
N ILE A 321 24.05 -6.67 2.49
CA ILE A 321 23.78 -5.31 2.95
C ILE A 321 22.39 -4.89 2.50
N ASP A 322 21.76 -3.95 3.19
CA ASP A 322 20.37 -3.69 2.89
C ASP A 322 20.30 -2.62 1.83
N LEU A 323 19.90 -3.06 0.65
CA LEU A 323 19.79 -2.15 -0.48
C LEU A 323 18.37 -1.67 -0.79
N SER A 324 17.38 -2.15 -0.06
CA SER A 324 16.00 -1.82 -0.38
C SER A 324 15.72 -0.34 -0.27
N THR A 325 16.43 0.30 0.65
CA THR A 325 16.28 1.72 0.92
C THR A 325 17.29 2.67 0.22
N THR A 326 18.25 2.11 -0.52
CA THR A 326 19.31 2.95 -1.13
C THR A 326 19.30 2.99 -2.66
S SO4 B . 3.66 17.45 12.35
O1 SO4 B . 3.12 18.65 11.71
O2 SO4 B . 2.69 16.83 13.22
O3 SO4 B . 4.10 16.49 11.34
O4 SO4 B . 4.77 17.82 13.21
C1 GOL C . 0.85 27.50 -16.95
O1 GOL C . 0.22 26.26 -17.21
C2 GOL C . 1.81 27.40 -15.76
O2 GOL C . 1.11 27.61 -14.55
C3 GOL C . 2.91 28.46 -15.89
O3 GOL C . 4.07 27.94 -16.49
C1 GOL D . -3.57 6.37 21.32
O1 GOL D . -2.17 6.28 21.25
C2 GOL D . -4.16 5.72 22.59
O2 GOL D . -5.49 6.14 22.78
C3 GOL D . -3.32 6.02 23.84
O3 GOL D . -4.05 5.68 25.02
C1 GOL E . -7.17 16.13 21.46
O1 GOL E . -7.14 16.95 20.32
C2 GOL E . -7.49 14.68 21.08
O2 GOL E . -8.88 14.43 21.28
C3 GOL E . -6.63 13.73 21.92
O3 GOL E . -6.05 12.73 21.12
C1 GOL F . -2.03 -5.22 1.65
O1 GOL F . -3.15 -5.19 0.80
C2 GOL F . -1.49 -3.81 1.96
O2 GOL F . -0.39 -3.48 1.12
C3 GOL F . -1.06 -3.68 3.42
O3 GOL F . -1.06 -2.32 3.82
S SO4 G . -7.74 -5.73 12.69
O1 SO4 G . -7.04 -4.76 13.53
O2 SO4 G . -9.04 -5.18 12.28
O3 SO4 G . -6.95 -6.04 11.51
O4 SO4 G . -7.96 -6.96 13.45
S SO4 H . 11.14 -3.26 -11.56
O1 SO4 H . 11.43 -1.89 -12.00
O2 SO4 H . 9.69 -3.42 -11.39
O3 SO4 H . 11.64 -4.19 -12.56
O4 SO4 H . 11.82 -3.50 -10.29
S SO4 I . -1.48 -24.84 5.04
O1 SO4 I . -0.46 -25.03 6.09
O2 SO4 I . -2.41 -23.75 5.37
O3 SO4 I . -0.81 -24.54 3.78
O4 SO4 I . -2.26 -26.05 4.85
S SO4 J . -3.30 -3.63 -2.62
O1 SO4 J . -2.88 -3.03 -1.36
O2 SO4 J . -4.09 -2.67 -3.37
O3 SO4 J . -2.14 -4.03 -3.40
O4 SO4 J . -4.11 -4.81 -2.34
S SO4 K . 7.61 -26.97 8.36
O1 SO4 K . 8.84 -26.57 9.03
O2 SO4 K . 6.47 -26.74 9.25
O3 SO4 K . 7.44 -26.19 7.14
O4 SO4 K . 7.67 -28.39 8.04
O1 MES L . -15.18 15.67 -10.74
C2 MES L . -14.59 16.96 -10.90
C3 MES L . -13.09 16.93 -10.64
N4 MES L . -12.58 15.78 -11.38
C5 MES L . -13.10 14.45 -11.07
C6 MES L . -14.32 14.66 -10.19
C7 MES L . -11.26 15.86 -12.00
C8 MES L . -11.09 17.35 -12.24
S MES L . -9.97 17.61 -13.44
O1S MES L . -8.72 18.09 -12.82
O2S MES L . -9.73 16.33 -14.17
O3S MES L . -10.49 18.64 -14.37
O1 MES M . -0.52 -15.40 2.25
C2 MES M . -1.89 -15.20 2.63
C3 MES M . -2.68 -16.51 2.64
N4 MES M . -1.71 -17.44 3.21
C5 MES M . -0.56 -17.82 2.39
C6 MES M . -0.25 -16.61 1.52
C7 MES M . -2.02 -18.20 4.40
C8 MES M . -3.54 -18.20 4.53
S MES M . -4.07 -19.27 5.67
O1S MES M . -3.41 -19.03 6.97
O2S MES M . -5.52 -19.02 5.84
O3S MES M . -3.86 -20.67 5.23
C1 GOL N . 3.20 -20.99 -12.40
O1 GOL N . 3.96 -21.60 -11.37
C2 GOL N . 3.85 -19.69 -12.92
O2 GOL N . 2.90 -18.66 -13.09
C3 GOL N . 5.03 -19.23 -12.05
O3 GOL N . 6.20 -19.93 -12.42
#